data_5SLK
#
_entry.id   5SLK
#
_cell.length_a   67.596
_cell.length_b   67.536
_cell.length_c   138.752
_cell.angle_alpha   90.000
_cell.angle_beta   90.000
_cell.angle_gamma   90.000
#
_symmetry.space_group_name_H-M   'P 21 21 21'
#
loop_
_entity.id
_entity.type
_entity.pdbx_description
1 polymer 'Proofreading exoribonuclease nsp14'
2 non-polymer 'ZINC ION'
3 non-polymer 'PHOSPHATE ION'
4 non-polymer 2-[(5-chloro-3-fluoropyridin-2-yl)(methyl)amino]ethan-1-ol
5 water water
#
_entity_poly.entity_id   1
_entity_poly.type   'polypeptide(L)'
_entity_poly.pdbx_seq_one_letter_code
;SMLFKDCSKVITGLHPTQAPTHLSVDTKFKTEGLCVDIPGIPKDMTYRRLISMMGFKMNYQVNGYPNMFITREEAIRHVR
AWIGFDVEGCHATREAVGTNLPLQLGFSTGVNLVAVPTGYVDTPNNTDFSRVSAKPPPGDQFKHLIPLMYKGLPWNVVRI
KIVQMLSDTLKNLSDRVVFVLWAHGFELTSMKYFVKIGPERTCCLCDRRATCFSTASDTYACWHHSIGFDYVYNPFMIDV
QQWGFTGNLQSNHDLYCQVHGNAHVASCDAIMTRCLAVHECFVKRVDWTIEYPIIGDELKINAACRKVQHMVVKAALLAD
KFPVLHDIGNPKAIKCVPQADVEWKFYDAQPCSDKAYKIEELFYSYATHSDKFTDGVCLFWNCNVDRYPANSIVCRFDTR
VLSNLNLPGCDGGSLYVNKHAFHTPAFDKSAFVNLKQLPFFYYSDSPCESHGKQVVSDIDYVPLKSATCITRCNLGGAVC
RHHANEYRLYLDAYNMMISAGFSLWVYKQFDTYNLWNTFTRLQ
;
_entity_poly.pdbx_strand_id   D
#
loop_
_chem_comp.id
_chem_comp.type
_chem_comp.name
_chem_comp.formula
LKL non-polymer 2-[(5-chloro-3-fluoropyridin-2-yl)(methyl)amino]ethan-1-ol 'C8 H10 Cl F N2 O'
PO4 non-polymer 'PHOSPHATE ION' 'O4 P -3'
ZN non-polymer 'ZINC ION' 'Zn 2'
#
# COMPACT_ATOMS: atom_id res chain seq x y z
N PRO A 20 11.00 -4.53 -26.23
CA PRO A 20 10.38 -3.49 -25.39
C PRO A 20 9.76 -4.03 -24.08
N THR A 21 10.59 -4.54 -23.16
CA THR A 21 10.23 -4.83 -21.74
C THR A 21 11.06 -3.93 -20.82
N HIS A 22 12.39 -3.89 -21.00
CA HIS A 22 13.32 -3.07 -20.19
C HIS A 22 13.57 -1.73 -20.89
N LEU A 23 13.94 -0.70 -20.13
CA LEU A 23 14.37 0.62 -20.66
C LEU A 23 15.71 0.48 -21.40
N SER A 24 15.76 0.82 -22.70
CA SER A 24 17.01 0.85 -23.51
C SER A 24 17.96 1.91 -22.94
N VAL A 25 19.24 1.57 -22.78
CA VAL A 25 20.25 2.55 -22.26
C VAL A 25 20.47 3.65 -23.30
N ASP A 26 20.00 3.44 -24.54
CA ASP A 26 20.18 4.38 -25.68
C ASP A 26 18.96 5.30 -25.82
N THR A 27 17.97 5.13 -24.94
CA THR A 27 16.88 6.11 -24.71
C THR A 27 17.50 7.46 -24.30
N LYS A 28 16.83 8.57 -24.64
CA LYS A 28 17.34 9.93 -24.37
C LYS A 28 16.92 10.32 -22.95
N PHE A 29 17.77 11.10 -22.30
CA PHE A 29 17.54 11.63 -20.94
C PHE A 29 17.62 13.16 -21.02
N LYS A 30 16.51 13.83 -20.69
CA LYS A 30 16.43 15.31 -20.60
C LYS A 30 17.29 15.75 -19.41
N THR A 31 18.26 16.62 -19.63
CA THR A 31 19.37 16.94 -18.68
C THR A 31 19.16 18.31 -18.06
N GLU A 32 18.07 18.98 -18.42
CA GLU A 32 17.82 20.39 -18.00
C GLU A 32 17.75 20.45 -16.47
N GLY A 33 16.94 19.56 -15.86
CA GLY A 33 16.88 19.34 -14.41
C GLY A 33 18.25 19.29 -13.78
N LEU A 34 19.25 18.76 -14.49
CA LEU A 34 20.61 18.50 -13.93
C LEU A 34 21.51 19.75 -13.98
N CYS A 35 21.21 20.71 -14.85
CA CYS A 35 22.24 21.64 -15.38
C CYS A 35 22.59 22.78 -14.39
N VAL A 36 22.12 22.73 -13.15
CA VAL A 36 22.50 23.75 -12.11
C VAL A 36 23.52 23.14 -11.14
N ASP A 37 23.32 21.88 -10.76
CA ASP A 37 24.35 21.10 -10.05
C ASP A 37 25.49 20.81 -11.02
N ILE A 38 25.17 20.56 -12.30
CA ILE A 38 26.16 20.17 -13.35
C ILE A 38 26.15 21.16 -14.51
N PRO A 39 26.71 22.36 -14.30
CA PRO A 39 26.76 23.36 -15.37
C PRO A 39 27.61 22.88 -16.56
N GLY A 40 27.05 22.94 -17.76
CA GLY A 40 27.71 22.56 -19.02
C GLY A 40 27.18 21.25 -19.57
N ILE A 41 26.27 20.59 -18.86
CA ILE A 41 25.90 19.20 -19.23
C ILE A 41 25.35 19.21 -20.64
N PRO A 42 25.71 18.25 -21.52
CA PRO A 42 25.18 18.22 -22.88
C PRO A 42 23.65 18.16 -22.88
N LYS A 43 22.99 18.78 -23.84
CA LYS A 43 21.51 18.66 -23.99
C LYS A 43 21.21 17.27 -24.55
N ASP A 44 22.09 16.75 -25.39
CA ASP A 44 21.95 15.40 -26.01
C ASP A 44 22.69 14.42 -25.11
N MET A 45 21.93 13.51 -24.48
CA MET A 45 22.45 12.59 -23.44
C MET A 45 21.57 11.32 -23.44
N THR A 46 22.20 10.14 -23.42
CA THR A 46 21.52 8.83 -23.23
C THR A 46 21.69 8.34 -21.79
N TYR A 47 21.03 7.25 -21.43
CA TYR A 47 21.23 6.57 -20.12
C TYR A 47 22.67 6.05 -20.09
N ARG A 48 23.11 5.45 -21.19
CA ARG A 48 24.45 4.86 -21.36
C ARG A 48 25.51 5.90 -20.98
N ARG A 49 25.42 7.10 -21.52
CA ARG A 49 26.42 8.16 -21.25
C ARG A 49 26.24 8.69 -19.82
N LEU A 50 24.99 8.82 -19.35
CA LEU A 50 24.66 9.23 -17.97
C LEU A 50 25.19 8.18 -16.97
N ILE A 51 24.87 6.90 -17.19
CA ILE A 51 25.29 5.85 -16.22
C ILE A 51 26.81 5.94 -16.12
N SER A 52 27.48 6.01 -17.26
CA SER A 52 28.94 6.23 -17.38
C SER A 52 29.37 7.48 -16.60
N MET A 53 28.67 8.58 -16.80
CA MET A 53 28.99 9.86 -16.13
C MET A 53 28.88 9.66 -14.61
N MET A 54 27.93 8.83 -14.16
CA MET A 54 27.73 8.58 -12.70
C MET A 54 28.86 7.71 -12.14
N GLY A 55 29.77 7.24 -13.01
CA GLY A 55 30.98 6.48 -12.65
C GLY A 55 30.80 4.96 -12.63
N PHE A 56 29.85 4.40 -13.37
CA PHE A 56 29.57 2.95 -13.45
C PHE A 56 29.93 2.43 -14.84
N LYS A 57 30.63 1.30 -14.92
CA LYS A 57 30.87 0.57 -16.18
C LYS A 57 29.91 -0.62 -16.25
N MET A 58 28.94 -0.59 -17.19
CA MET A 58 27.94 -1.68 -17.35
C MET A 58 28.64 -2.92 -17.93
N ASN A 59 29.71 -2.75 -18.74
CA ASN A 59 30.56 -3.81 -19.35
C ASN A 59 29.77 -4.69 -20.32
N TYR A 60 29.22 -4.10 -21.40
CA TYR A 60 28.28 -4.72 -22.38
C TYR A 60 27.82 -6.09 -21.85
N GLN A 61 26.94 -6.08 -20.84
CA GLN A 61 26.62 -7.29 -20.01
C GLN A 61 25.17 -7.71 -20.25
N VAL A 62 24.97 -8.97 -20.65
CA VAL A 62 23.62 -9.60 -20.86
C VAL A 62 23.31 -10.48 -19.64
N ASN A 63 23.29 -9.90 -18.43
CA ASN A 63 23.11 -10.66 -17.16
C ASN A 63 21.98 -10.03 -16.34
N GLY A 64 20.77 -9.93 -16.92
CA GLY A 64 19.49 -9.67 -16.23
C GLY A 64 19.43 -8.31 -15.51
N TYR A 65 20.35 -7.38 -15.81
CA TYR A 65 20.42 -6.01 -15.23
C TYR A 65 20.83 -5.03 -16.34
N PRO A 66 20.06 -4.95 -17.47
CA PRO A 66 20.46 -4.17 -18.64
C PRO A 66 20.66 -2.68 -18.36
N ASN A 67 19.92 -2.13 -17.39
CA ASN A 67 19.89 -0.70 -17.07
C ASN A 67 19.64 -0.51 -15.57
N MET A 68 20.39 0.39 -14.93
CA MET A 68 20.10 0.91 -13.56
C MET A 68 18.73 1.61 -13.59
N PHE A 69 18.43 2.35 -14.66
CA PHE A 69 17.15 3.09 -14.82
C PHE A 69 16.10 2.15 -15.43
N ILE A 70 14.83 2.48 -15.19
CA ILE A 70 13.68 1.59 -15.56
C ILE A 70 12.50 2.42 -16.05
N THR A 71 11.61 1.74 -16.77
CA THR A 71 10.37 2.31 -17.36
C THR A 71 9.42 2.65 -16.22
N ARG A 72 8.47 3.53 -16.49
CA ARG A 72 7.25 3.73 -15.67
C ARG A 72 6.61 2.37 -15.36
N GLU A 73 6.32 1.55 -16.38
CA GLU A 73 5.54 0.29 -16.21
C GLU A 73 6.35 -0.66 -15.33
N GLU A 74 7.68 -0.66 -15.45
CA GLU A 74 8.51 -1.53 -14.57
C GLU A 74 8.40 -0.98 -13.14
N ALA A 75 8.51 0.34 -12.95
CA ALA A 75 8.43 0.98 -11.61
C ALA A 75 7.07 0.64 -11.00
N ILE A 76 6.00 0.72 -11.81
CA ILE A 76 4.62 0.45 -11.31
C ILE A 76 4.57 -1.01 -10.86
N ARG A 77 5.10 -1.95 -11.65
CA ARG A 77 5.07 -3.38 -11.25
C ARG A 77 5.84 -3.54 -9.93
N HIS A 78 6.70 -2.59 -9.56
CA HIS A 78 7.68 -2.70 -8.44
C HIS A 78 7.46 -1.58 -7.42
N VAL A 79 6.23 -1.10 -7.28
CA VAL A 79 5.89 0.02 -6.36
C VAL A 79 6.37 -0.29 -4.95
N ARG A 80 6.25 -1.55 -4.50
CA ARG A 80 6.58 -1.91 -3.10
C ARG A 80 8.05 -1.58 -2.84
N ALA A 81 8.87 -1.52 -3.89
CA ALA A 81 10.32 -1.22 -3.79
C ALA A 81 10.57 0.28 -3.67
N TRP A 82 9.58 1.17 -3.83
CA TRP A 82 9.88 2.60 -4.04
C TRP A 82 10.44 3.19 -2.76
N ILE A 83 11.59 3.85 -2.86
CA ILE A 83 12.17 4.76 -1.84
C ILE A 83 12.51 6.07 -2.53
N GLY A 84 11.84 7.13 -2.12
CA GLY A 84 12.25 8.48 -2.54
C GLY A 84 13.67 8.68 -2.10
N PHE A 85 14.48 9.32 -2.96
CA PHE A 85 15.87 9.68 -2.64
C PHE A 85 16.12 11.10 -3.16
N ASP A 86 16.74 11.93 -2.32
CA ASP A 86 17.09 13.32 -2.64
C ASP A 86 18.38 13.71 -1.91
N VAL A 87 19.25 14.46 -2.58
CA VAL A 87 20.52 14.96 -1.98
C VAL A 87 20.55 16.48 -2.15
N GLU A 88 21.06 17.18 -1.14
CA GLU A 88 21.14 18.66 -1.09
C GLU A 88 22.53 19.07 -0.60
N GLY A 89 23.25 19.90 -1.37
CA GLY A 89 24.57 20.46 -1.04
C GLY A 89 24.54 21.28 0.25
N CYS A 90 24.84 20.62 1.37
CA CYS A 90 24.64 21.09 2.78
C CYS A 90 25.41 22.39 3.06
N HIS A 91 26.47 22.66 2.28
CA HIS A 91 27.28 23.92 2.34
C HIS A 91 27.83 24.22 0.94
N GLY A 98 29.35 18.27 -3.25
CA GLY A 98 30.31 18.17 -4.37
C GLY A 98 31.74 18.11 -3.87
N THR A 99 32.26 16.88 -3.66
CA THR A 99 33.62 16.52 -3.14
C THR A 99 34.10 17.54 -2.11
N ASN A 100 34.12 18.83 -2.48
CA ASN A 100 34.41 19.98 -1.58
C ASN A 100 33.57 19.86 -0.31
N LEU A 101 32.24 19.83 -0.42
CA LEU A 101 31.30 20.19 0.70
C LEU A 101 30.50 18.97 1.20
N PRO A 102 29.92 19.07 2.42
CA PRO A 102 29.01 18.03 2.94
C PRO A 102 27.70 17.88 2.16
N LEU A 103 27.23 16.64 1.93
CA LEU A 103 25.93 16.33 1.27
C LEU A 103 24.92 15.85 2.33
N GLN A 104 23.64 16.22 2.17
CA GLN A 104 22.51 15.75 3.01
C GLN A 104 21.74 14.70 2.20
N LEU A 105 21.66 13.45 2.68
CA LEU A 105 20.96 12.31 2.01
C LEU A 105 19.59 12.11 2.64
N GLY A 106 18.52 12.39 1.90
CA GLY A 106 17.15 12.22 2.37
C GLY A 106 16.49 11.03 1.72
N PHE A 107 15.73 10.25 2.49
CA PHE A 107 14.94 9.10 1.98
C PHE A 107 13.51 9.28 2.45
N SER A 108 12.58 8.65 1.74
CA SER A 108 11.12 8.69 2.00
C SER A 108 10.79 7.88 3.27
N THR A 109 11.79 7.30 3.92
CA THR A 109 11.60 6.75 5.29
C THR A 109 11.65 7.90 6.30
N GLY A 110 11.94 9.12 5.86
CA GLY A 110 12.03 10.28 6.76
C GLY A 110 13.43 10.47 7.30
N VAL A 111 14.36 9.59 6.92
CA VAL A 111 15.77 9.62 7.39
C VAL A 111 16.59 10.64 6.58
N ASN A 112 17.41 11.42 7.29
CA ASN A 112 18.41 12.37 6.72
C ASN A 112 19.79 12.02 7.27
N LEU A 113 20.72 11.57 6.44
CA LEU A 113 22.15 11.39 6.82
C LEU A 113 22.99 12.50 6.20
N VAL A 114 23.97 13.01 6.93
CA VAL A 114 24.94 14.00 6.39
C VAL A 114 26.27 13.28 6.15
N ALA A 115 26.68 13.10 4.89
CA ALA A 115 28.00 12.55 4.49
C ALA A 115 29.00 13.71 4.36
N VAL A 116 30.22 13.54 4.86
CA VAL A 116 31.37 14.47 4.63
C VAL A 116 32.39 13.77 3.75
N PRO A 117 33.26 14.52 3.07
CA PRO A 117 34.36 13.91 2.31
C PRO A 117 35.55 13.61 3.25
N THR A 118 35.74 14.46 4.27
CA THR A 118 36.83 14.38 5.27
C THR A 118 38.10 13.81 4.63
N PRO A 147 11.29 12.74 9.61
CA PRO A 147 11.83 13.95 10.26
C PRO A 147 13.33 13.84 10.61
N LEU A 148 13.81 12.62 10.85
CA LEU A 148 15.06 12.30 11.62
C LEU A 148 16.29 12.86 10.92
N MET A 149 16.98 13.80 11.59
CA MET A 149 18.20 14.52 11.13
C MET A 149 19.44 13.96 11.89
N TYR A 150 20.45 13.45 11.18
CA TYR A 150 21.71 12.88 11.74
C TYR A 150 22.91 13.77 11.39
N LYS A 151 23.94 13.78 12.26
CA LYS A 151 25.16 14.64 12.19
C LYS A 151 26.14 14.11 11.13
N GLY A 152 27.15 14.91 10.79
CA GLY A 152 28.05 14.68 9.64
C GLY A 152 29.06 13.55 9.87
N LEU A 153 29.06 12.56 8.99
CA LEU A 153 29.91 11.34 9.08
C LEU A 153 30.40 10.92 7.69
N PRO A 154 31.57 10.26 7.58
CA PRO A 154 32.08 9.84 6.27
C PRO A 154 31.28 8.71 5.61
N TRP A 155 31.53 8.55 4.31
CA TRP A 155 30.82 7.61 3.41
C TRP A 155 30.90 6.18 3.92
N ASN A 156 32.04 5.81 4.51
CA ASN A 156 32.34 4.40 4.88
C ASN A 156 31.36 3.98 5.98
N VAL A 157 30.94 4.88 6.89
CA VAL A 157 29.89 4.57 7.91
C VAL A 157 28.50 4.88 7.33
N VAL A 158 28.34 6.00 6.63
CA VAL A 158 27.03 6.41 6.03
C VAL A 158 26.47 5.25 5.17
N ARG A 159 27.32 4.49 4.47
CA ARG A 159 26.85 3.47 3.50
C ARG A 159 26.31 2.26 4.27
N ILE A 160 26.92 1.90 5.41
CA ILE A 160 26.45 0.84 6.37
C ILE A 160 25.01 1.15 6.81
N LYS A 161 24.80 2.38 7.29
CA LYS A 161 23.48 2.89 7.71
C LYS A 161 22.47 2.79 6.57
N ILE A 162 22.89 3.05 5.32
CA ILE A 162 21.96 3.00 4.14
C ILE A 162 21.49 1.57 3.93
N VAL A 163 22.40 0.59 3.99
CA VAL A 163 22.06 -0.85 3.81
C VAL A 163 21.10 -1.29 4.93
N GLN A 164 21.43 -0.94 6.18
CA GLN A 164 20.62 -1.32 7.38
C GLN A 164 19.21 -0.77 7.18
N MET A 165 19.13 0.48 6.73
CA MET A 165 17.87 1.24 6.56
C MET A 165 16.98 0.63 5.46
N LEU A 166 17.55 0.33 4.29
CA LEU A 166 16.77 -0.20 3.15
C LEU A 166 16.37 -1.64 3.46
N SER A 167 17.24 -2.36 4.14
CA SER A 167 17.03 -3.81 4.44
C SER A 167 15.83 -3.96 5.36
N ASP A 168 15.79 -3.20 6.46
CA ASP A 168 14.66 -3.23 7.43
C ASP A 168 13.38 -2.78 6.72
N THR A 169 13.46 -1.72 5.91
CA THR A 169 12.28 -1.11 5.24
C THR A 169 11.71 -2.12 4.25
N LEU A 170 12.58 -2.80 3.49
CA LEU A 170 12.19 -3.47 2.23
C LEU A 170 12.06 -4.99 2.40
N LYS A 171 12.64 -5.60 3.43
CA LYS A 171 12.83 -7.07 3.43
C LYS A 171 11.50 -7.82 3.37
N ASN A 172 10.41 -7.21 3.85
CA ASN A 172 9.06 -7.84 3.86
C ASN A 172 8.14 -7.19 2.81
N LEU A 173 8.69 -6.36 1.93
CA LEU A 173 7.95 -5.73 0.81
C LEU A 173 8.42 -6.29 -0.53
N SER A 174 9.74 -6.41 -0.73
CA SER A 174 10.33 -6.50 -2.09
C SER A 174 11.69 -7.20 -2.12
N ASP A 175 12.03 -7.70 -3.31
CA ASP A 175 13.31 -8.33 -3.71
C ASP A 175 14.30 -7.30 -4.25
N ARG A 176 13.91 -6.01 -4.30
CA ARG A 176 14.76 -4.92 -4.83
C ARG A 176 14.44 -3.59 -4.14
N VAL A 177 15.18 -2.55 -4.53
CA VAL A 177 14.94 -1.10 -4.25
C VAL A 177 14.79 -0.39 -5.61
N VAL A 178 13.85 0.55 -5.69
CA VAL A 178 13.69 1.55 -6.80
C VAL A 178 13.83 2.94 -6.17
N PHE A 179 14.98 3.59 -6.34
CA PHE A 179 15.18 4.96 -5.83
C PHE A 179 14.39 5.89 -6.74
N VAL A 180 13.44 6.61 -6.17
CA VAL A 180 12.55 7.52 -6.93
C VAL A 180 13.12 8.92 -6.77
N LEU A 181 13.35 9.60 -7.90
CA LEU A 181 14.22 10.80 -8.00
C LEU A 181 13.42 11.97 -8.59
N TRP A 182 13.74 13.18 -8.13
CA TRP A 182 13.55 14.45 -8.86
C TRP A 182 14.97 15.00 -9.08
N ALA A 183 15.61 14.49 -10.12
CA ALA A 183 17.08 14.51 -10.32
C ALA A 183 17.53 15.93 -10.59
N HIS A 184 18.47 16.43 -9.80
CA HIS A 184 19.14 17.73 -10.08
C HIS A 184 20.66 17.57 -10.15
N GLY A 185 21.22 16.43 -9.76
CA GLY A 185 22.64 16.10 -10.05
C GLY A 185 23.37 15.44 -8.89
N PHE A 186 23.35 16.05 -7.70
CA PHE A 186 24.09 15.52 -6.54
C PHE A 186 23.60 14.09 -6.19
N GLU A 187 22.33 13.74 -6.43
CA GLU A 187 21.84 12.38 -6.04
C GLU A 187 22.48 11.36 -6.99
N LEU A 188 22.42 11.59 -8.30
CA LEU A 188 23.08 10.71 -9.29
C LEU A 188 24.59 10.60 -9.04
N THR A 189 25.29 11.70 -8.79
CA THR A 189 26.77 11.63 -8.64
C THR A 189 27.13 11.04 -7.27
N SER A 190 26.22 11.02 -6.29
CA SER A 190 26.49 10.46 -4.95
C SER A 190 26.39 8.92 -4.95
N MET A 191 25.77 8.32 -5.95
CA MET A 191 25.47 6.86 -5.89
C MET A 191 26.74 5.99 -5.87
N LYS A 192 27.76 6.36 -6.65
CA LYS A 192 29.06 5.65 -6.67
C LYS A 192 29.58 5.46 -5.23
N TYR A 193 29.14 6.29 -4.26
CA TYR A 193 29.66 6.24 -2.87
C TYR A 193 28.98 5.15 -2.04
N PHE A 194 27.88 4.56 -2.49
CA PHE A 194 27.21 3.46 -1.74
C PHE A 194 26.55 2.43 -2.68
N VAL A 195 26.70 2.54 -4.00
CA VAL A 195 26.14 1.51 -4.93
C VAL A 195 27.26 0.74 -5.61
N LYS A 196 27.07 -0.56 -5.82
CA LYS A 196 27.88 -1.39 -6.73
C LYS A 196 26.93 -2.10 -7.68
N ILE A 197 27.26 -2.13 -8.96
CA ILE A 197 26.48 -2.91 -9.96
C ILE A 197 27.34 -4.09 -10.43
N GLY A 198 26.67 -5.08 -11.02
CA GLY A 198 27.32 -6.22 -11.67
C GLY A 198 26.23 -7.16 -12.19
N PRO A 199 26.57 -8.42 -12.48
CA PRO A 199 25.56 -9.39 -12.87
C PRO A 199 24.62 -9.75 -11.70
N GLU A 200 23.38 -10.12 -12.04
CA GLU A 200 22.37 -10.56 -11.05
C GLU A 200 22.98 -11.70 -10.24
N ARG A 201 22.71 -11.73 -8.94
CA ARG A 201 23.30 -12.72 -7.99
C ARG A 201 22.23 -13.16 -7.01
N THR A 202 22.53 -14.20 -6.24
CA THR A 202 21.63 -14.70 -5.17
C THR A 202 22.33 -14.50 -3.82
N CYS A 203 21.52 -14.45 -2.77
CA CYS A 203 21.99 -14.30 -1.37
C CYS A 203 23.02 -15.39 -1.10
N CYS A 204 23.98 -15.11 -0.22
CA CYS A 204 24.95 -16.09 0.32
C CYS A 204 24.30 -16.96 1.43
N LEU A 205 23.02 -16.78 1.74
CA LEU A 205 22.31 -17.54 2.80
C LEU A 205 20.91 -17.99 2.36
N CYS A 206 20.48 -17.67 1.13
CA CYS A 206 19.13 -18.07 0.61
C CYS A 206 19.09 -17.89 -0.91
N ASP A 207 17.91 -18.09 -1.51
CA ASP A 207 17.75 -18.12 -2.98
C ASP A 207 17.13 -16.80 -3.45
N ARG A 208 16.93 -15.85 -2.54
CA ARG A 208 16.47 -14.47 -2.85
C ARG A 208 17.59 -13.78 -3.62
N ARG A 209 17.24 -13.05 -4.68
CA ARG A 209 18.22 -12.23 -5.44
C ARG A 209 18.94 -11.33 -4.43
N ALA A 210 20.18 -10.96 -4.73
CA ALA A 210 21.05 -10.10 -3.90
C ALA A 210 20.67 -8.64 -4.12
N THR A 211 20.70 -7.86 -3.05
CA THR A 211 20.39 -6.42 -3.06
C THR A 211 21.51 -5.65 -2.35
N CYS A 212 22.52 -6.36 -1.84
CA CYS A 212 23.55 -5.81 -0.95
C CYS A 212 24.86 -6.57 -1.17
N PHE A 213 25.99 -5.90 -0.98
CA PHE A 213 27.35 -6.48 -1.12
C PHE A 213 28.21 -6.05 0.07
N SER A 214 29.02 -6.96 0.61
CA SER A 214 30.02 -6.63 1.66
C SER A 214 31.41 -6.66 1.04
N THR A 215 32.19 -5.59 1.24
CA THR A 215 33.64 -5.54 0.86
C THR A 215 34.49 -6.19 1.96
N ALA A 216 33.93 -6.43 3.14
CA ALA A 216 34.62 -7.13 4.27
C ALA A 216 34.77 -8.61 3.91
N SER A 217 33.69 -9.21 3.44
CA SER A 217 33.59 -10.67 3.15
C SER A 217 33.64 -10.92 1.64
N ASP A 218 33.54 -9.91 0.79
CA ASP A 218 33.43 -10.12 -0.68
C ASP A 218 32.27 -11.07 -0.99
N THR A 219 31.10 -10.86 -0.36
CA THR A 219 29.89 -11.69 -0.51
C THR A 219 28.66 -10.81 -0.76
N TYR A 220 27.55 -11.47 -1.06
CA TYR A 220 26.26 -10.89 -1.48
C TYR A 220 25.13 -11.35 -0.54
N ALA A 221 24.18 -10.47 -0.24
CA ALA A 221 23.00 -10.81 0.57
C ALA A 221 21.76 -10.17 -0.03
N CYS A 222 20.61 -10.80 0.21
CA CYS A 222 19.27 -10.19 0.07
C CYS A 222 19.05 -9.25 1.27
N TRP A 223 17.86 -8.65 1.38
CA TRP A 223 17.51 -7.67 2.44
C TRP A 223 17.51 -8.37 3.82
N HIS A 224 17.08 -9.64 3.85
CA HIS A 224 16.90 -10.42 5.11
C HIS A 224 18.26 -10.68 5.76
N HIS A 225 19.32 -10.87 4.97
CA HIS A 225 20.61 -11.48 5.40
C HIS A 225 21.77 -10.51 5.27
N SER A 226 21.55 -9.20 5.36
CA SER A 226 22.50 -8.14 4.89
C SER A 226 23.23 -7.45 6.05
N ILE A 227 23.07 -7.93 7.28
CA ILE A 227 23.55 -7.22 8.51
C ILE A 227 25.08 -7.07 8.44
N GLY A 228 25.60 -5.84 8.58
CA GLY A 228 27.04 -5.54 8.44
C GLY A 228 27.50 -5.37 6.99
N PHE A 229 26.63 -5.54 6.00
CA PHE A 229 26.96 -5.25 4.56
C PHE A 229 27.04 -3.73 4.35
N ASP A 230 27.87 -3.30 3.40
CA ASP A 230 28.29 -1.87 3.27
C ASP A 230 27.88 -1.27 1.92
N TYR A 231 27.37 -2.04 0.97
CA TYR A 231 26.99 -1.50 -0.36
C TYR A 231 25.63 -1.99 -0.81
N VAL A 232 24.91 -1.10 -1.47
CA VAL A 232 23.64 -1.41 -2.18
C VAL A 232 24.06 -2.02 -3.52
N TYR A 233 23.60 -3.24 -3.76
CA TYR A 233 23.96 -4.01 -4.98
C TYR A 233 22.79 -4.06 -5.96
N ASN A 234 23.04 -3.57 -7.18
CA ASN A 234 22.12 -3.62 -8.34
C ASN A 234 20.79 -2.95 -7.98
N PRO A 235 20.84 -1.68 -7.52
CA PRO A 235 19.62 -0.91 -7.32
C PRO A 235 18.97 -0.55 -8.65
N PHE A 236 17.67 -0.25 -8.63
CA PHE A 236 16.96 0.43 -9.73
C PHE A 236 16.64 1.87 -9.30
N MET A 237 16.27 2.69 -10.28
CA MET A 237 16.03 4.14 -10.09
C MET A 237 15.24 4.67 -11.29
N ILE A 238 14.49 5.75 -11.09
CA ILE A 238 13.60 6.40 -12.10
C ILE A 238 13.54 7.89 -11.75
N ASP A 239 13.77 8.75 -12.74
CA ASP A 239 13.74 10.22 -12.56
C ASP A 239 12.35 10.72 -12.97
N VAL A 240 11.59 11.25 -12.01
CA VAL A 240 10.18 11.71 -12.20
C VAL A 240 10.20 12.89 -13.18
N GLN A 241 11.24 13.72 -13.09
CA GLN A 241 11.43 14.91 -13.93
C GLN A 241 11.54 14.54 -15.42
N GLN A 242 11.66 13.26 -15.78
CA GLN A 242 11.64 12.79 -17.20
C GLN A 242 10.21 12.51 -17.66
N TRP A 243 9.19 12.82 -16.87
CA TRP A 243 7.81 12.48 -17.22
C TRP A 243 7.09 13.70 -17.81
N GLY A 244 7.80 14.83 -17.95
CA GLY A 244 7.27 16.03 -18.64
C GLY A 244 6.42 16.85 -17.69
N PHE A 245 7.02 17.34 -16.62
CA PHE A 245 6.41 18.28 -15.63
C PHE A 245 6.94 19.69 -15.91
N THR A 246 6.12 20.70 -15.61
CA THR A 246 6.45 22.15 -15.67
C THR A 246 6.60 22.66 -14.24
N GLY A 247 7.64 23.45 -14.00
CA GLY A 247 7.93 24.03 -12.68
C GLY A 247 8.42 22.96 -11.73
N ASN A 248 8.75 23.35 -10.52
CA ASN A 248 9.55 22.53 -9.60
C ASN A 248 8.67 21.49 -8.90
N LEU A 249 9.28 20.70 -8.02
CA LEU A 249 8.69 19.57 -7.26
C LEU A 249 7.51 20.09 -6.43
N GLN A 250 7.81 20.97 -5.47
CA GLN A 250 6.84 21.49 -4.48
C GLN A 250 5.56 21.92 -5.22
N SER A 251 5.73 22.73 -6.27
CA SER A 251 4.63 23.29 -7.11
C SER A 251 3.72 22.16 -7.59
N ASN A 252 4.28 21.04 -8.05
CA ASN A 252 3.49 19.93 -8.65
C ASN A 252 2.95 19.01 -7.55
N HIS A 253 3.77 18.72 -6.55
CA HIS A 253 3.37 17.90 -5.37
C HIS A 253 2.10 18.50 -4.78
N ASP A 254 2.21 19.79 -4.44
CA ASP A 254 1.19 20.58 -3.69
C ASP A 254 -0.10 20.72 -4.49
N LEU A 255 -0.08 20.58 -5.82
CA LEU A 255 -1.33 20.47 -6.61
C LEU A 255 -2.21 19.35 -6.06
N TYR A 256 -1.63 18.28 -5.49
CA TYR A 256 -2.34 17.00 -5.21
C TYR A 256 -2.35 16.67 -3.72
N CYS A 257 -1.52 17.31 -2.91
CA CYS A 257 -1.22 16.82 -1.55
C CYS A 257 -0.97 17.99 -0.61
N GLN A 258 -1.75 18.04 0.49
CA GLN A 258 -1.64 19.04 1.59
C GLN A 258 -0.88 18.41 2.77
N VAL A 259 -0.74 17.09 2.80
CA VAL A 259 -0.30 16.34 4.01
C VAL A 259 1.22 16.46 4.19
N HIS A 260 2.01 16.43 3.11
CA HIS A 260 3.49 16.55 3.16
C HIS A 260 3.94 18.02 2.98
N GLY A 261 4.36 18.68 4.05
CA GLY A 261 4.96 20.03 3.98
C GLY A 261 6.38 19.99 3.45
N ASN A 262 7.05 21.13 3.33
CA ASN A 262 8.48 21.21 2.95
C ASN A 262 9.23 22.07 3.96
N ALA A 263 10.09 21.43 4.76
CA ALA A 263 10.96 22.09 5.74
C ALA A 263 12.29 22.51 5.08
N HIS A 264 12.37 22.47 3.73
CA HIS A 264 13.58 22.76 2.90
C HIS A 264 14.73 21.81 3.29
N VAL A 265 14.40 20.54 3.58
CA VAL A 265 15.37 19.46 3.92
C VAL A 265 15.10 18.23 3.04
N ALA A 266 16.15 17.44 2.88
CA ALA A 266 16.30 16.38 1.86
C ALA A 266 15.16 15.36 1.98
N SER A 267 14.88 14.88 3.20
CA SER A 267 13.86 13.83 3.42
C SER A 267 12.51 14.36 2.92
N CYS A 268 12.24 15.65 3.12
CA CYS A 268 10.96 16.29 2.72
C CYS A 268 10.79 16.19 1.20
N ASP A 269 11.85 16.40 0.42
CA ASP A 269 11.77 16.35 -1.07
C ASP A 269 11.60 14.90 -1.48
N ALA A 270 12.27 14.00 -0.78
CA ALA A 270 12.30 12.55 -1.06
C ALA A 270 10.89 11.99 -0.91
N ILE A 271 10.19 12.38 0.16
CA ILE A 271 8.79 12.01 0.47
C ILE A 271 7.88 12.64 -0.58
N MET A 272 8.05 13.94 -0.83
CA MET A 272 7.25 14.67 -1.84
C MET A 272 7.39 13.98 -3.21
N THR A 273 8.58 13.49 -3.56
CA THR A 273 8.89 12.87 -4.89
C THR A 273 8.07 11.58 -5.05
N ARG A 274 8.20 10.65 -4.10
CA ARG A 274 7.43 9.39 -4.03
C ARG A 274 5.92 9.70 -3.99
N CYS A 275 5.48 10.71 -3.22
CA CYS A 275 4.04 11.09 -3.17
C CYS A 275 3.62 11.37 -4.62
N LEU A 276 4.31 12.32 -5.27
CA LEU A 276 3.90 12.78 -6.62
C LEU A 276 3.92 11.59 -7.59
N ALA A 277 4.96 10.76 -7.51
CA ALA A 277 5.09 9.50 -8.26
C ALA A 277 3.86 8.62 -8.02
N VAL A 278 3.46 8.41 -6.76
CA VAL A 278 2.30 7.53 -6.44
C VAL A 278 1.06 8.18 -7.06
N HIS A 279 0.96 9.52 -6.98
CA HIS A 279 -0.21 10.27 -7.50
C HIS A 279 -0.37 9.96 -8.99
N GLU A 280 0.74 10.01 -9.73
CA GLU A 280 0.74 9.90 -11.21
C GLU A 280 0.41 8.48 -11.64
N CYS A 281 0.83 7.49 -10.85
CA CYS A 281 0.83 6.09 -11.31
C CYS A 281 -0.36 5.32 -10.72
N PHE A 282 -0.98 5.80 -9.63
CA PHE A 282 -2.00 5.02 -8.86
C PHE A 282 -3.28 5.80 -8.56
N VAL A 283 -3.24 7.13 -8.67
CA VAL A 283 -4.42 8.02 -8.43
C VAL A 283 -4.97 8.46 -9.79
N LYS A 284 -4.22 9.29 -10.52
CA LYS A 284 -4.66 9.86 -11.82
C LYS A 284 -4.73 8.72 -12.84
N ARG A 285 -3.72 7.85 -12.86
CA ARG A 285 -3.71 6.61 -13.70
C ARG A 285 -3.98 5.44 -12.75
N VAL A 286 -4.80 4.47 -13.18
CA VAL A 286 -5.16 3.28 -12.36
C VAL A 286 -5.14 2.06 -13.28
N ASP A 287 -4.21 1.13 -13.04
CA ASP A 287 -4.05 -0.10 -13.85
C ASP A 287 -4.38 -1.31 -12.98
N TRP A 288 -5.65 -1.71 -12.97
CA TRP A 288 -6.21 -2.82 -12.13
C TRP A 288 -5.85 -4.18 -12.73
N THR A 289 -5.19 -4.23 -13.89
CA THR A 289 -4.73 -5.52 -14.51
C THR A 289 -3.48 -6.02 -13.78
N ILE A 290 -2.52 -5.12 -13.49
CA ILE A 290 -1.20 -5.48 -12.88
C ILE A 290 -1.47 -6.29 -11.61
N GLU A 291 -0.96 -7.53 -11.56
CA GLU A 291 -0.98 -8.43 -10.38
C GLU A 291 0.27 -8.08 -9.55
N TYR A 292 0.32 -8.54 -8.30
CA TYR A 292 1.49 -8.33 -7.40
C TYR A 292 1.72 -9.57 -6.55
N PRO A 293 3.01 -9.96 -6.34
CA PRO A 293 3.34 -11.14 -5.53
C PRO A 293 2.70 -11.15 -4.14
N ILE A 294 2.42 -12.35 -3.62
CA ILE A 294 2.00 -12.61 -2.20
C ILE A 294 3.22 -12.34 -1.33
N ILE A 295 3.10 -11.55 -0.25
CA ILE A 295 4.24 -11.18 0.64
C ILE A 295 3.80 -11.23 2.11
N GLY A 296 2.60 -11.76 2.36
CA GLY A 296 1.94 -11.77 3.69
C GLY A 296 0.63 -12.53 3.68
N ASP A 297 -0.34 -12.06 4.48
CA ASP A 297 -1.58 -12.85 4.76
C ASP A 297 -2.67 -12.49 3.75
N GLU A 298 -2.29 -12.15 2.52
CA GLU A 298 -3.26 -11.68 1.48
C GLU A 298 -4.41 -12.69 1.35
N LEU A 299 -4.13 -13.98 1.31
CA LEU A 299 -5.18 -14.97 0.99
C LEU A 299 -6.07 -15.22 2.22
N LYS A 300 -5.53 -15.17 3.43
CA LYS A 300 -6.32 -15.29 4.68
C LYS A 300 -7.25 -14.07 4.83
N ILE A 301 -6.73 -12.86 4.59
CA ILE A 301 -7.44 -11.55 4.77
C ILE A 301 -8.60 -11.49 3.77
N ASN A 302 -8.37 -11.89 2.53
CA ASN A 302 -9.39 -11.82 1.45
C ASN A 302 -10.53 -12.79 1.81
N ALA A 303 -10.18 -13.96 2.33
CA ALA A 303 -11.14 -15.01 2.71
C ALA A 303 -11.94 -14.53 3.92
N ALA A 304 -11.26 -14.06 4.96
CA ALA A 304 -11.88 -13.47 6.18
C ALA A 304 -12.94 -12.46 5.76
N CYS A 305 -12.57 -11.61 4.81
CA CYS A 305 -13.40 -10.48 4.34
C CYS A 305 -14.64 -11.05 3.67
N ARG A 306 -14.50 -12.13 2.87
CA ARG A 306 -15.69 -12.82 2.28
C ARG A 306 -16.55 -13.38 3.42
N LYS A 307 -15.97 -14.03 4.44
CA LYS A 307 -16.79 -14.66 5.53
C LYS A 307 -17.54 -13.56 6.27
N VAL A 308 -16.85 -12.53 6.77
CA VAL A 308 -17.46 -11.46 7.60
C VAL A 308 -18.62 -10.85 6.83
N GLN A 309 -18.44 -10.56 5.55
CA GLN A 309 -19.47 -9.92 4.70
C GLN A 309 -20.71 -10.82 4.59
N HIS A 310 -20.57 -12.13 4.41
CA HIS A 310 -21.74 -13.05 4.33
C HIS A 310 -22.44 -13.00 5.68
N MET A 311 -21.67 -13.10 6.77
CA MET A 311 -22.15 -13.11 8.19
C MET A 311 -22.99 -11.86 8.47
N VAL A 312 -22.38 -10.69 8.32
CA VAL A 312 -22.95 -9.40 8.80
C VAL A 312 -24.23 -9.09 8.02
N VAL A 313 -24.17 -9.24 6.71
CA VAL A 313 -25.30 -8.87 5.80
C VAL A 313 -26.42 -9.89 5.99
N LYS A 314 -26.08 -11.18 6.05
CA LYS A 314 -27.05 -12.26 6.33
C LYS A 314 -27.86 -11.93 7.58
N ALA A 315 -27.20 -11.51 8.66
CA ALA A 315 -27.80 -11.23 9.99
C ALA A 315 -28.56 -9.90 9.98
N ALA A 316 -28.04 -8.89 9.29
CA ALA A 316 -28.73 -7.59 9.03
C ALA A 316 -30.12 -7.87 8.42
N LEU A 317 -30.20 -8.77 7.46
CA LEU A 317 -31.47 -9.07 6.76
C LEU A 317 -32.39 -9.85 7.69
N LEU A 318 -31.85 -10.74 8.52
CA LEU A 318 -32.65 -11.61 9.45
C LEU A 318 -33.24 -10.73 10.56
N ALA A 319 -32.43 -9.84 11.15
CA ALA A 319 -32.78 -8.91 12.26
C ALA A 319 -33.86 -7.90 11.82
N ASP A 320 -33.62 -7.13 10.75
CA ASP A 320 -34.48 -5.99 10.38
C ASP A 320 -35.24 -6.27 9.08
N LYS A 321 -35.10 -7.46 8.51
CA LYS A 321 -35.99 -8.00 7.43
C LYS A 321 -36.26 -6.97 6.32
N PHE A 322 -35.27 -6.18 5.95
CA PHE A 322 -35.36 -5.19 4.84
C PHE A 322 -35.90 -5.86 3.59
N PRO A 323 -36.85 -5.23 2.89
CA PRO A 323 -37.33 -5.76 1.61
C PRO A 323 -36.39 -5.52 0.42
N VAL A 324 -35.44 -4.57 0.53
CA VAL A 324 -34.50 -4.23 -0.59
C VAL A 324 -33.12 -3.88 -0.03
N LEU A 325 -32.08 -4.45 -0.63
CA LEU A 325 -30.68 -4.08 -0.33
C LEU A 325 -30.11 -3.36 -1.57
N HIS A 326 -29.57 -2.16 -1.37
CA HIS A 326 -28.87 -1.36 -2.39
C HIS A 326 -27.39 -1.64 -2.28
N ASP A 327 -26.85 -2.38 -3.24
CA ASP A 327 -25.43 -2.82 -3.23
C ASP A 327 -24.61 -1.81 -4.06
N ILE A 328 -24.03 -0.82 -3.38
CA ILE A 328 -23.27 0.29 -4.03
C ILE A 328 -21.78 -0.04 -3.93
N GLY A 329 -21.15 -0.25 -5.08
CA GLY A 329 -19.69 -0.36 -5.16
C GLY A 329 -19.30 -1.24 -6.31
N ASN A 330 -18.20 -1.97 -6.12
CA ASN A 330 -17.50 -2.70 -7.19
C ASN A 330 -18.50 -3.29 -8.19
N PRO A 331 -18.39 -2.93 -9.49
CA PRO A 331 -19.30 -3.47 -10.52
C PRO A 331 -19.15 -4.98 -10.75
N LYS A 332 -18.08 -5.60 -10.22
CA LYS A 332 -17.86 -7.05 -10.39
C LYS A 332 -18.51 -7.83 -9.23
N ALA A 333 -19.01 -7.13 -8.20
CA ALA A 333 -19.54 -7.69 -6.93
C ALA A 333 -20.70 -8.66 -7.19
N ILE A 334 -20.80 -9.72 -6.38
CA ILE A 334 -21.92 -10.73 -6.40
C ILE A 334 -22.72 -10.59 -5.10
N LYS A 335 -23.97 -11.08 -5.10
CA LYS A 335 -24.84 -11.29 -3.91
C LYS A 335 -24.10 -12.08 -2.82
N CYS A 336 -23.65 -11.42 -1.75
CA CYS A 336 -22.82 -12.05 -0.70
C CYS A 336 -23.67 -13.02 0.13
N VAL A 337 -25.00 -12.87 0.08
CA VAL A 337 -26.01 -13.72 0.78
C VAL A 337 -27.05 -14.20 -0.22
N PRO A 338 -26.68 -15.12 -1.15
CA PRO A 338 -27.56 -15.54 -2.25
C PRO A 338 -28.93 -16.09 -1.83
N GLN A 339 -29.06 -16.51 -0.58
CA GLN A 339 -30.24 -17.25 -0.06
C GLN A 339 -31.28 -16.25 0.44
N ALA A 340 -30.84 -15.05 0.85
CA ALA A 340 -31.65 -14.04 1.58
C ALA A 340 -32.88 -13.68 0.75
N ASP A 341 -33.95 -13.23 1.41
CA ASP A 341 -35.29 -13.06 0.79
C ASP A 341 -35.31 -11.85 -0.16
N VAL A 342 -34.52 -10.84 0.19
CA VAL A 342 -34.58 -9.41 -0.21
C VAL A 342 -34.45 -9.20 -1.74
N GLU A 343 -34.97 -8.06 -2.25
CA GLU A 343 -34.69 -7.52 -3.60
C GLU A 343 -33.26 -6.97 -3.60
N TRP A 344 -32.35 -7.66 -4.31
CA TRP A 344 -30.93 -7.26 -4.42
C TRP A 344 -30.73 -6.41 -5.67
N LYS A 345 -30.45 -5.11 -5.48
CA LYS A 345 -30.24 -4.09 -6.55
C LYS A 345 -28.79 -3.62 -6.49
N PHE A 346 -28.11 -3.64 -7.63
CA PHE A 346 -26.66 -3.36 -7.79
C PHE A 346 -26.47 -2.01 -8.46
N TYR A 347 -25.37 -1.36 -8.11
CA TYR A 347 -25.01 0.02 -8.53
C TYR A 347 -23.49 0.05 -8.64
N ASP A 348 -23.01 0.25 -9.87
CA ASP A 348 -21.58 0.16 -10.23
C ASP A 348 -20.88 1.42 -9.75
N ALA A 349 -19.78 1.27 -9.04
CA ALA A 349 -18.88 2.39 -8.66
C ALA A 349 -17.50 1.81 -8.43
N GLN A 350 -16.54 2.22 -9.26
CA GLN A 350 -15.14 1.75 -9.19
C GLN A 350 -14.54 2.31 -7.92
N PRO A 351 -13.54 1.62 -7.32
CA PRO A 351 -12.80 2.17 -6.19
C PRO A 351 -12.22 3.56 -6.52
N CYS A 352 -12.81 4.62 -5.97
CA CYS A 352 -12.26 6.00 -6.02
C CYS A 352 -10.87 5.98 -5.40
N SER A 353 -9.87 6.41 -6.15
CA SER A 353 -8.47 6.46 -5.68
C SER A 353 -8.15 7.86 -5.12
N ASP A 354 -8.78 8.93 -5.65
CA ASP A 354 -8.36 10.33 -5.38
C ASP A 354 -9.12 10.84 -4.15
N LYS A 355 -10.34 11.35 -4.37
CA LYS A 355 -11.27 11.86 -3.34
C LYS A 355 -12.42 10.85 -3.20
N ALA A 356 -12.89 10.62 -1.96
CA ALA A 356 -14.08 9.78 -1.65
C ALA A 356 -15.31 10.32 -2.40
N TYR A 357 -16.08 9.42 -3.01
CA TYR A 357 -17.39 9.72 -3.63
C TYR A 357 -18.24 10.61 -2.70
N LYS A 358 -18.93 11.59 -3.29
CA LYS A 358 -19.97 12.45 -2.66
C LYS A 358 -21.32 11.74 -2.79
N ILE A 359 -21.97 11.47 -1.66
CA ILE A 359 -23.23 10.68 -1.64
C ILE A 359 -24.26 11.39 -2.54
N GLU A 360 -24.17 12.71 -2.63
CA GLU A 360 -25.03 13.58 -3.48
C GLU A 360 -24.90 13.17 -4.94
N GLU A 361 -23.68 12.92 -5.41
CA GLU A 361 -23.39 12.56 -6.81
C GLU A 361 -23.66 11.07 -7.02
N LEU A 362 -23.55 10.22 -5.99
CA LEU A 362 -23.81 8.76 -6.13
C LEU A 362 -25.30 8.47 -6.33
N PHE A 363 -26.18 9.18 -5.60
CA PHE A 363 -27.61 8.84 -5.43
C PHE A 363 -28.52 9.76 -6.26
N TYR A 364 -28.47 11.06 -5.97
CA TYR A 364 -29.35 12.10 -6.57
C TYR A 364 -28.88 12.33 -8.01
N SER A 365 -29.28 13.48 -8.60
CA SER A 365 -29.41 13.70 -10.06
C SER A 365 -30.54 12.81 -10.60
N TYR A 366 -31.58 12.60 -9.78
CA TYR A 366 -32.73 11.71 -10.01
C TYR A 366 -32.26 10.26 -10.09
N HIS A 369 -32.42 2.84 -10.57
CA HIS A 369 -32.47 2.81 -9.08
C HIS A 369 -33.89 2.41 -8.62
N SER A 370 -34.01 1.69 -7.49
CA SER A 370 -35.19 1.83 -6.60
C SER A 370 -35.28 3.32 -6.27
N ASP A 371 -34.17 4.04 -6.52
CA ASP A 371 -34.04 5.53 -6.48
C ASP A 371 -34.22 5.94 -5.03
N LYS A 372 -35.33 5.52 -4.43
CA LYS A 372 -35.53 5.35 -2.97
C LYS A 372 -34.39 4.43 -2.45
N PHE A 373 -33.23 5.05 -2.18
CA PHE A 373 -32.10 4.46 -1.43
C PHE A 373 -32.35 4.59 0.08
N THR A 374 -33.45 5.23 0.48
CA THR A 374 -33.92 5.31 1.88
C THR A 374 -34.83 4.11 2.20
N ASP A 375 -35.35 3.43 1.16
CA ASP A 375 -35.99 2.09 1.25
C ASP A 375 -34.89 1.06 1.53
N GLY A 376 -35.18 0.08 2.41
CA GLY A 376 -34.27 -1.03 2.76
C GLY A 376 -32.93 -0.55 3.30
N VAL A 377 -31.85 -1.22 2.91
CA VAL A 377 -30.49 -0.96 3.45
C VAL A 377 -29.54 -0.80 2.28
N CYS A 378 -28.57 0.11 2.45
CA CYS A 378 -27.49 0.37 1.48
C CYS A 378 -26.26 -0.34 1.99
N LEU A 379 -25.72 -1.27 1.19
CA LEU A 379 -24.44 -1.96 1.45
C LEU A 379 -23.31 -1.26 0.68
N PHE A 380 -22.44 -0.55 1.40
CA PHE A 380 -21.15 0.00 0.91
C PHE A 380 -19.98 -0.88 1.33
N TRP A 381 -19.69 -1.96 0.61
CA TRP A 381 -18.53 -2.85 0.93
C TRP A 381 -17.26 -2.38 0.19
N ASN A 382 -16.36 -1.71 0.92
CA ASN A 382 -15.19 -0.96 0.39
C ASN A 382 -15.64 -0.03 -0.74
N CYS A 383 -16.72 0.72 -0.53
CA CYS A 383 -17.11 1.85 -1.40
C CYS A 383 -17.02 3.11 -0.53
N ASN A 384 -15.96 3.90 -0.69
CA ASN A 384 -15.61 5.07 0.18
C ASN A 384 -16.37 6.31 -0.27
N VAL A 385 -17.35 6.76 0.53
CA VAL A 385 -18.12 8.00 0.28
C VAL A 385 -17.80 8.98 1.43
N ASP A 386 -18.27 10.23 1.31
CA ASP A 386 -17.94 11.33 2.24
C ASP A 386 -18.76 11.19 3.54
N ARG A 387 -19.99 10.70 3.43
CA ARG A 387 -20.97 10.62 4.53
C ARG A 387 -22.01 9.55 4.16
N TYR A 388 -22.00 8.44 4.88
CA TYR A 388 -22.90 7.31 4.60
C TYR A 388 -24.30 7.71 5.08
N PRO A 389 -25.36 7.32 4.36
CA PRO A 389 -26.70 7.44 4.89
C PRO A 389 -26.83 6.57 6.15
N ALA A 390 -27.87 6.80 6.94
CA ALA A 390 -28.10 6.12 8.24
C ALA A 390 -28.51 4.66 8.02
N ASN A 391 -29.09 4.29 6.87
CA ASN A 391 -29.56 2.91 6.59
C ASN A 391 -28.48 2.11 5.83
N SER A 392 -27.22 2.24 6.25
CA SER A 392 -26.05 1.61 5.60
C SER A 392 -25.44 0.49 6.45
N ILE A 393 -24.87 -0.52 5.78
CA ILE A 393 -23.81 -1.43 6.29
C ILE A 393 -22.52 -1.03 5.57
N VAL A 394 -21.44 -0.74 6.29
CA VAL A 394 -20.23 -0.15 5.66
C VAL A 394 -19.01 -0.96 6.05
N CYS A 395 -18.17 -1.35 5.07
CA CYS A 395 -16.77 -1.78 5.28
C CYS A 395 -15.84 -0.69 4.69
N ARG A 396 -15.01 -0.07 5.51
CA ARG A 396 -14.15 1.05 5.08
C ARG A 396 -12.73 0.80 5.55
N PHE A 397 -11.79 0.68 4.60
CA PHE A 397 -10.35 0.48 4.87
C PHE A 397 -9.80 1.72 5.59
N ASP A 398 -9.06 1.51 6.67
CA ASP A 398 -8.46 2.58 7.49
C ASP A 398 -7.04 2.78 6.96
N THR A 399 -6.86 3.85 6.20
CA THR A 399 -5.59 4.20 5.52
C THR A 399 -4.46 4.28 6.54
N ARG A 400 -4.73 4.51 7.84
CA ARG A 400 -3.66 4.75 8.85
C ARG A 400 -3.02 3.44 9.35
N VAL A 401 -3.61 2.26 9.09
CA VAL A 401 -3.10 0.94 9.60
C VAL A 401 -1.66 0.70 9.13
N LEU A 402 -0.77 0.27 10.05
CA LEU A 402 0.61 -0.22 9.77
C LEU A 402 0.56 -1.71 9.41
N SER A 403 0.75 -2.04 8.13
CA SER A 403 0.95 -3.42 7.63
C SER A 403 1.90 -3.38 6.43
N ASN A 404 2.31 -4.56 5.95
CA ASN A 404 3.23 -4.74 4.80
C ASN A 404 2.46 -4.51 3.49
N LEU A 405 1.13 -4.59 3.54
CA LEU A 405 0.28 -4.51 2.33
C LEU A 405 -0.02 -3.04 2.03
N ASN A 406 0.10 -2.22 3.06
CA ASN A 406 -0.36 -0.81 3.05
C ASN A 406 0.85 0.11 3.00
N LEU A 407 1.07 0.73 1.83
CA LEU A 407 2.18 1.67 1.59
C LEU A 407 1.63 3.08 1.74
N PRO A 408 2.45 4.05 2.19
CA PRO A 408 1.99 5.43 2.37
C PRO A 408 1.58 5.96 1.00
N GLY A 409 0.61 6.87 0.97
CA GLY A 409 0.00 7.36 -0.27
C GLY A 409 0.03 8.87 -0.35
N CYS A 410 -0.92 9.44 -1.10
N CYS A 410 -0.92 9.43 -1.09
CA CYS A 410 -0.97 10.86 -1.53
CA CYS A 410 -1.01 10.86 -1.47
C CYS A 410 -2.15 11.57 -0.82
C CYS A 410 -2.16 11.53 -0.72
N ASP A 411 -1.87 12.70 -0.16
CA ASP A 411 -2.90 13.55 0.49
C ASP A 411 -3.56 12.79 1.66
N GLY A 412 -2.77 12.06 2.45
CA GLY A 412 -3.22 11.34 3.67
C GLY A 412 -3.82 9.98 3.34
N GLY A 413 -4.10 9.70 2.07
CA GLY A 413 -4.49 8.38 1.56
C GLY A 413 -3.36 7.37 1.66
N SER A 414 -3.60 6.15 1.18
CA SER A 414 -2.65 5.03 1.32
C SER A 414 -2.79 4.11 0.10
N LEU A 415 -1.69 3.46 -0.25
CA LEU A 415 -1.67 2.48 -1.36
C LEU A 415 -1.74 1.09 -0.75
N TYR A 416 -2.91 0.46 -0.83
CA TYR A 416 -3.11 -0.92 -0.32
C TYR A 416 -2.88 -1.87 -1.48
N VAL A 417 -1.83 -2.68 -1.39
CA VAL A 417 -1.48 -3.62 -2.48
C VAL A 417 -1.78 -5.02 -1.96
N ASN A 418 -2.71 -5.72 -2.61
CA ASN A 418 -3.15 -7.07 -2.23
C ASN A 418 -3.68 -7.72 -3.52
N LYS A 419 -2.87 -8.55 -4.17
CA LYS A 419 -3.13 -9.02 -5.56
C LYS A 419 -3.11 -7.79 -6.49
N HIS A 420 -3.90 -6.74 -6.19
CA HIS A 420 -3.94 -5.47 -6.96
C HIS A 420 -3.51 -4.29 -6.10
N ALA A 421 -3.17 -3.18 -6.75
CA ALA A 421 -2.84 -1.89 -6.11
C ALA A 421 -4.09 -1.02 -6.15
N PHE A 422 -4.49 -0.49 -5.00
CA PHE A 422 -5.68 0.35 -4.78
C PHE A 422 -5.28 1.54 -3.93
N HIS A 423 -5.04 2.70 -4.53
CA HIS A 423 -4.84 3.94 -3.73
C HIS A 423 -6.19 4.22 -3.07
N THR A 424 -6.20 4.55 -1.79
CA THR A 424 -7.44 4.70 -0.98
C THR A 424 -7.41 6.07 -0.32
N PRO A 425 -8.50 6.84 -0.47
CA PRO A 425 -8.64 8.15 0.17
C PRO A 425 -8.46 8.09 1.70
N ALA A 426 -7.89 9.13 2.31
CA ALA A 426 -7.65 9.24 3.78
C ALA A 426 -8.93 8.81 4.53
N PHE A 427 -8.78 7.89 5.48
CA PHE A 427 -9.84 7.58 6.47
C PHE A 427 -10.33 8.87 7.14
N ASP A 428 -11.65 9.11 7.10
CA ASP A 428 -12.31 10.26 7.76
C ASP A 428 -13.39 9.73 8.72
N LYS A 429 -13.21 9.93 10.03
CA LYS A 429 -14.15 9.45 11.09
C LYS A 429 -15.54 10.06 10.89
N SER A 430 -15.60 11.28 10.33
CA SER A 430 -16.85 12.06 10.14
C SER A 430 -17.77 11.43 9.09
N ALA A 431 -17.31 10.45 8.32
CA ALA A 431 -18.14 9.78 7.28
C ALA A 431 -19.22 8.90 7.92
N PHE A 432 -19.00 8.53 9.19
CA PHE A 432 -19.77 7.47 9.90
C PHE A 432 -20.71 8.07 10.97
N VAL A 433 -20.99 9.38 10.89
CA VAL A 433 -21.80 10.13 11.90
C VAL A 433 -23.20 9.53 12.00
N ASN A 434 -23.78 9.05 10.91
CA ASN A 434 -25.15 8.47 10.93
C ASN A 434 -25.12 7.00 11.34
N LEU A 435 -23.94 6.43 11.57
CA LEU A 435 -23.81 4.99 11.86
C LEU A 435 -23.12 4.80 13.22
N LYS A 436 -22.94 3.56 13.64
CA LYS A 436 -22.13 3.16 14.82
C LYS A 436 -21.15 2.05 14.41
N GLN A 437 -20.11 1.83 15.21
CA GLN A 437 -19.21 0.68 14.99
C GLN A 437 -20.07 -0.57 15.11
N LEU A 438 -19.88 -1.53 14.21
CA LEU A 438 -20.55 -2.84 14.23
C LEU A 438 -19.91 -3.67 15.32
N PRO A 439 -20.67 -4.20 16.31
CA PRO A 439 -20.07 -5.02 17.35
C PRO A 439 -19.75 -6.42 16.80
N PHE A 440 -18.73 -7.10 17.35
CA PHE A 440 -18.42 -8.51 17.00
C PHE A 440 -19.58 -9.41 17.41
N PHE A 441 -19.84 -10.42 16.59
CA PHE A 441 -20.78 -11.51 16.88
C PHE A 441 -20.64 -12.59 15.82
N TYR A 442 -20.97 -13.81 16.21
CA TYR A 442 -21.08 -14.97 15.31
C TYR A 442 -22.54 -15.39 15.32
N TYR A 443 -23.13 -15.60 14.15
CA TYR A 443 -24.53 -16.07 14.03
C TYR A 443 -24.52 -17.31 13.14
N SER A 444 -25.19 -18.37 13.56
CA SER A 444 -25.45 -19.55 12.70
C SER A 444 -26.83 -20.15 12.98
N ASP A 445 -27.44 -20.65 11.92
CA ASP A 445 -28.73 -21.37 11.93
C ASP A 445 -28.49 -22.80 11.45
N SER A 446 -27.22 -23.17 11.24
CA SER A 446 -26.79 -24.51 10.75
C SER A 446 -27.02 -25.53 11.86
N PRO A 447 -27.34 -26.80 11.54
CA PRO A 447 -27.57 -27.82 12.58
C PRO A 447 -26.34 -28.01 13.47
N CYS A 448 -26.57 -28.09 14.78
CA CYS A 448 -25.58 -28.52 15.80
C CYS A 448 -25.24 -29.99 15.52
N GLU A 449 -24.02 -30.26 15.05
CA GLU A 449 -23.63 -31.56 14.42
C GLU A 449 -22.15 -31.50 14.02
N SER A 450 -21.31 -32.30 14.68
CA SER A 450 -19.82 -32.24 14.68
C SER A 450 -19.22 -32.60 13.31
N HIS A 451 -19.31 -33.87 12.91
CA HIS A 451 -18.72 -34.43 11.66
C HIS A 451 -17.18 -34.48 11.74
N GLY A 452 -16.55 -35.06 10.71
CA GLY A 452 -15.08 -35.10 10.53
C GLY A 452 -14.43 -36.12 11.46
N ILE A 459 -10.35 -31.37 15.93
CA ILE A 459 -10.79 -30.02 16.41
C ILE A 459 -11.02 -30.06 17.93
N ASP A 460 -9.94 -30.25 18.72
CA ASP A 460 -9.98 -30.49 20.19
C ASP A 460 -10.56 -29.27 20.92
N TYR A 461 -11.11 -29.47 22.13
CA TYR A 461 -12.16 -28.61 22.76
C TYR A 461 -11.80 -28.16 24.18
N VAL A 462 -12.30 -26.97 24.52
CA VAL A 462 -12.52 -26.43 25.89
C VAL A 462 -13.90 -25.78 25.88
N PRO A 463 -14.88 -26.21 26.70
CA PRO A 463 -16.25 -25.71 26.59
C PRO A 463 -16.34 -24.20 26.33
N LEU A 464 -17.06 -23.80 25.26
CA LEU A 464 -17.14 -22.39 24.81
C LEU A 464 -18.27 -21.68 25.58
N LYS A 465 -17.89 -20.63 26.30
CA LYS A 465 -18.85 -19.67 26.89
C LYS A 465 -18.65 -18.32 26.20
N SER A 466 -19.61 -17.87 25.39
CA SER A 466 -19.66 -16.49 24.85
C SER A 466 -21.11 -16.01 24.76
N ALA A 467 -21.33 -14.73 25.07
CA ALA A 467 -22.60 -14.01 24.82
C ALA A 467 -22.79 -13.75 23.31
N THR A 468 -21.69 -13.66 22.55
CA THR A 468 -21.69 -13.22 21.12
C THR A 468 -21.79 -14.44 20.17
N CYS A 469 -21.93 -15.65 20.71
CA CYS A 469 -22.17 -16.89 19.92
C CYS A 469 -23.67 -17.12 19.82
N ILE A 470 -24.27 -16.63 18.74
CA ILE A 470 -25.74 -16.62 18.55
C ILE A 470 -26.14 -17.86 17.73
N THR A 471 -26.56 -18.90 18.43
CA THR A 471 -26.81 -20.28 17.89
C THR A 471 -27.92 -20.95 18.71
N ARG A 472 -28.64 -21.91 18.13
CA ARG A 472 -29.72 -22.66 18.83
C ARG A 472 -29.14 -23.18 20.13
N CYS A 473 -27.97 -23.84 20.05
CA CYS A 473 -27.27 -24.47 21.20
C CYS A 473 -27.10 -23.46 22.36
N ASN A 474 -26.62 -22.25 22.10
CA ASN A 474 -26.22 -21.28 23.15
C ASN A 474 -27.48 -20.70 23.79
N LEU A 475 -28.57 -20.62 23.01
CA LEU A 475 -29.93 -20.28 23.49
C LEU A 475 -30.35 -21.32 24.53
N GLY A 476 -30.18 -22.60 24.22
CA GLY A 476 -30.38 -23.74 25.13
C GLY A 476 -29.32 -23.84 26.22
N GLY A 477 -28.33 -22.93 26.25
CA GLY A 477 -27.41 -22.68 27.38
C GLY A 477 -26.10 -23.47 27.33
N ALA A 478 -25.89 -24.32 26.31
CA ALA A 478 -24.69 -25.18 26.14
C ALA A 478 -24.26 -25.27 24.66
N VAL A 479 -23.24 -24.49 24.23
CA VAL A 479 -22.75 -24.39 22.82
C VAL A 479 -22.24 -25.76 22.38
N CYS A 480 -22.77 -26.32 21.28
CA CYS A 480 -22.33 -27.61 20.70
C CYS A 480 -20.89 -27.45 20.17
N ARG A 481 -20.15 -28.54 19.98
CA ARG A 481 -18.71 -28.48 19.59
C ARG A 481 -18.57 -27.86 18.19
N HIS A 482 -19.36 -28.33 17.21
CA HIS A 482 -19.37 -27.78 15.84
C HIS A 482 -19.43 -26.24 15.86
N HIS A 483 -20.44 -25.64 16.50
CA HIS A 483 -20.66 -24.16 16.47
C HIS A 483 -19.55 -23.46 17.28
N ALA A 484 -18.89 -24.18 18.18
CA ALA A 484 -17.73 -23.66 18.95
C ALA A 484 -16.47 -23.61 18.06
N ASN A 485 -16.34 -24.53 17.10
CA ASN A 485 -15.20 -24.59 16.15
C ASN A 485 -15.36 -23.42 15.17
N GLU A 486 -16.54 -23.37 14.54
CA GLU A 486 -16.99 -22.28 13.63
C GLU A 486 -16.84 -20.92 14.32
N TYR A 487 -17.20 -20.83 15.60
CA TYR A 487 -17.16 -19.55 16.33
C TYR A 487 -15.71 -19.08 16.41
N ARG A 488 -14.79 -19.98 16.79
CA ARG A 488 -13.38 -19.59 17.07
C ARG A 488 -12.65 -19.39 15.74
N LEU A 489 -13.08 -20.08 14.68
CA LEU A 489 -12.65 -19.82 13.28
C LEU A 489 -13.09 -18.41 12.89
N TYR A 490 -14.40 -18.12 12.99
CA TYR A 490 -14.98 -16.83 12.54
C TYR A 490 -14.35 -15.69 13.34
N LEU A 491 -14.05 -15.89 14.63
CA LEU A 491 -13.45 -14.82 15.47
C LEU A 491 -12.04 -14.53 14.93
N ASP A 492 -11.32 -15.57 14.53
CA ASP A 492 -9.94 -15.43 14.00
C ASP A 492 -10.01 -14.62 12.69
N ALA A 493 -10.77 -15.09 11.70
CA ALA A 493 -11.08 -14.35 10.46
C ALA A 493 -11.33 -12.87 10.80
N TYR A 494 -12.34 -12.60 11.62
CA TYR A 494 -12.77 -11.23 12.00
C TYR A 494 -11.57 -10.42 12.56
N ASN A 495 -10.75 -11.02 13.43
CA ASN A 495 -9.58 -10.36 14.05
C ASN A 495 -8.57 -10.00 12.95
N MET A 496 -8.37 -10.95 12.04
CA MET A 496 -7.49 -10.85 10.86
C MET A 496 -7.88 -9.58 10.12
N MET A 497 -9.13 -9.55 9.66
CA MET A 497 -9.70 -8.46 8.83
C MET A 497 -9.48 -7.13 9.55
N ILE A 498 -9.75 -7.06 10.85
CA ILE A 498 -9.70 -5.79 11.62
C ILE A 498 -8.25 -5.29 11.65
N SER A 499 -7.33 -6.14 12.08
CA SER A 499 -5.89 -5.83 12.18
C SER A 499 -5.35 -5.46 10.78
N ALA A 500 -5.85 -6.12 9.74
CA ALA A 500 -5.50 -5.84 8.32
C ALA A 500 -5.91 -4.40 7.92
N GLY A 501 -6.80 -3.75 8.67
CA GLY A 501 -7.15 -2.31 8.54
C GLY A 501 -8.59 -2.03 8.18
N PHE A 502 -9.39 -3.03 7.86
CA PHE A 502 -10.82 -2.84 7.52
C PHE A 502 -11.62 -2.54 8.80
N SER A 503 -12.59 -1.63 8.68
CA SER A 503 -13.49 -1.19 9.78
C SER A 503 -14.94 -1.43 9.36
N LEU A 504 -15.79 -1.78 10.31
CA LEU A 504 -17.21 -2.13 10.03
C LEU A 504 -18.11 -1.22 10.86
N TRP A 505 -19.18 -0.75 10.22
CA TRP A 505 -20.12 0.26 10.74
C TRP A 505 -21.52 -0.17 10.33
N VAL A 506 -22.51 0.17 11.14
CA VAL A 506 -23.89 -0.27 10.82
C VAL A 506 -24.88 0.80 11.27
N TYR A 507 -26.05 0.78 10.64
CA TYR A 507 -27.23 1.56 11.06
C TYR A 507 -27.44 1.36 12.57
N LYS A 508 -27.80 2.42 13.27
CA LYS A 508 -27.78 2.50 14.76
C LYS A 508 -28.80 1.54 15.38
N GLN A 509 -29.90 1.25 14.71
CA GLN A 509 -30.96 0.37 15.24
C GLN A 509 -30.51 -1.09 15.19
N PHE A 510 -29.36 -1.41 14.59
CA PHE A 510 -28.88 -2.82 14.56
C PHE A 510 -28.63 -3.33 15.98
N ASP A 511 -29.28 -4.44 16.33
CA ASP A 511 -29.26 -5.04 17.69
C ASP A 511 -29.21 -6.56 17.55
N THR A 512 -28.14 -7.20 18.02
CA THR A 512 -27.95 -8.68 17.89
C THR A 512 -29.03 -9.44 18.64
N TYR A 513 -29.72 -8.78 19.58
CA TYR A 513 -30.80 -9.40 20.39
C TYR A 513 -31.90 -9.87 19.44
N ASN A 514 -32.03 -9.24 18.27
CA ASN A 514 -33.15 -9.53 17.33
C ASN A 514 -32.94 -10.89 16.67
N LEU A 515 -31.74 -11.48 16.79
CA LEU A 515 -31.36 -12.70 16.02
C LEU A 515 -31.81 -13.97 16.75
N TRP A 516 -31.88 -13.95 18.07
CA TRP A 516 -32.28 -15.13 18.89
C TRP A 516 -33.66 -15.67 18.44
N ASN A 517 -34.58 -14.80 18.02
CA ASN A 517 -35.98 -15.20 17.71
C ASN A 517 -36.05 -15.80 16.30
N THR A 518 -34.93 -15.85 15.57
CA THR A 518 -34.82 -16.53 14.25
C THR A 518 -34.66 -18.04 14.49
N PHE A 519 -34.48 -18.45 15.73
CA PHE A 519 -34.80 -19.82 16.23
C PHE A 519 -35.95 -19.71 17.24
N THR A 520 -36.97 -20.58 17.10
CA THR A 520 -38.15 -20.67 18.02
C THR A 520 -38.87 -22.01 17.76
ZN ZN B . 2.46 14.31 -0.51
ZN ZN C . -24.79 -25.78 18.05
ZN ZN D . 19.16 -14.15 1.92
P PO4 E . 8.24 -6.30 -6.03
O1 PO4 E . 6.75 -6.40 -5.69
O2 PO4 E . 9.04 -7.33 -5.23
O3 PO4 E . 8.42 -6.58 -7.51
O4 PO4 E . 8.75 -4.90 -5.69
P PO4 F . -21.92 -22.66 10.16
O1 PO4 F . -22.53 -23.23 11.44
O2 PO4 F . -23.04 -22.03 9.31
O3 PO4 F . -20.88 -21.58 10.52
O4 PO4 F . -21.26 -23.81 9.37
N1 LKL G . -11.63 -7.54 0.80
C4 LKL G . -12.65 -8.29 0.28
C5 LKL G . -14.94 -8.66 0.25
C6 LKL G . -14.80 -9.72 -0.61
C7 LKL G . -13.55 -10.09 -1.05
C8 LKL G . -12.46 -9.39 -0.62
C1 LKL G . -11.89 -6.40 1.65
C2 LKL G . -10.22 -7.94 0.66
C3 LKL G . -9.31 -6.85 0.18
O1 LKL G . -7.95 -7.20 0.41
N2 LKL G . -13.89 -7.95 0.70
CL1 LKL G . -16.19 -10.60 -1.15
F1 LKL G . -11.24 -9.74 -1.04
#